data_1DWD
#
_entry.id   1DWD
#
_cell.length_a   90.800
_cell.length_b   90.800
_cell.length_c   132.500
_cell.angle_alpha   90.00
_cell.angle_beta   90.00
_cell.angle_gamma   90.00
#
_symmetry.space_group_name_H-M   'P 43 21 2'
#
loop_
_entity.id
_entity.type
_entity.pdbx_description
1 polymer 'ALPHA-THROMBIN (SMALL SUBUNIT)'
2 polymer 'ALPHA-THROMBIN (LARGE SUBUNIT)'
3 polymer 'HIRUDIN IIIA'
4 non-polymer 1-[N-(naphthalen-2-ylsulfonyl)glycyl-4-carbamimidoyl-D-phenylalanyl]piperidine
5 water water
#
loop_
_entity_poly.entity_id
_entity_poly.type
_entity_poly.pdbx_seq_one_letter_code
_entity_poly.pdbx_strand_id
1 'polypeptide(L)' TFGSGEADCGLRPLFEKKSLEDKTERELLESYIDGR L
2 'polypeptide(L)'
;IVEGSDAEIGMSPWQVMLFRKSPQELLCGASLISDRWVLTAAHCLLYPPWDKNFTENDLLVRIGKHSRTRYERNIEKISM
LEKIYIHPRYNWRENLDRDIALMKLKKPVAFSDYIHPVCLPDRETAASLLQAGYKGRVTGWGNLKETWTANVGKGQPSVL
QVVNLPIVERPVCKDSTRIRITDNMFCAGYKPDEGKRGDACEGDSGGPFVMKSPFNNRWYQMGIVSWGEGCDRDGKYGFY
THVFRLKKWIQKVIDQFGE
;
H
3 'polypeptide(L)' DFEEIPEEYLQ I
#
# COMPACT_ATOMS: atom_id res chain seq x y z
N GLU A 6 -15.43 -7.32 -14.38
CA GLU A 6 -15.49 -8.70 -14.85
C GLU A 6 -14.63 -9.63 -14.02
N ALA A 7 -13.30 -9.51 -14.09
CA ALA A 7 -12.44 -10.39 -13.29
C ALA A 7 -12.76 -10.27 -11.80
N ASP A 8 -12.75 -11.37 -11.03
CA ASP A 8 -13.08 -11.15 -9.64
C ASP A 8 -11.94 -10.56 -8.87
N CYS A 9 -12.27 -9.68 -7.95
CA CYS A 9 -11.28 -9.03 -7.21
C CYS A 9 -11.87 -8.50 -5.97
N GLY A 10 -11.08 -8.38 -4.95
CA GLY A 10 -11.60 -7.81 -3.74
C GLY A 10 -12.21 -8.83 -2.84
N LEU A 11 -12.27 -10.10 -3.28
CA LEU A 11 -12.83 -11.14 -2.43
C LEU A 11 -11.74 -12.08 -1.94
N ARG A 12 -11.39 -11.93 -0.70
CA ARG A 12 -10.33 -12.76 -0.17
C ARG A 12 -10.71 -14.23 -0.08
N PRO A 13 -9.85 -15.06 -0.67
CA PRO A 13 -10.02 -16.47 -0.70
C PRO A 13 -10.16 -17.11 0.68
N LEU A 14 -9.50 -16.59 1.68
CA LEU A 14 -9.63 -17.20 2.99
C LEU A 14 -10.59 -16.46 3.85
N PHE A 15 -11.24 -15.43 3.35
CA PHE A 15 -12.14 -14.71 4.22
C PHE A 15 -13.53 -14.63 3.63
N GLU A 16 -13.74 -13.63 2.77
CA GLU A 16 -15.01 -13.45 2.12
C GLU A 16 -15.45 -14.79 1.56
N LYS A 17 -14.66 -15.34 0.68
CA LYS A 17 -15.02 -16.61 0.10
C LYS A 17 -15.26 -17.74 1.09
N LYS A 18 -14.80 -17.63 2.30
CA LYS A 18 -15.02 -18.71 3.26
C LYS A 18 -16.02 -18.28 4.28
N SER A 19 -16.68 -17.21 3.97
CA SER A 19 -17.64 -16.67 4.88
C SER A 19 -17.11 -16.29 6.22
N LEU A 20 -15.78 -16.10 6.33
CA LEU A 20 -15.19 -15.69 7.59
C LEU A 20 -14.79 -14.23 7.53
N GLU A 21 -14.71 -13.58 8.67
CA GLU A 21 -14.29 -12.20 8.67
C GLU A 21 -13.01 -12.01 9.48
N ASP A 22 -12.21 -10.98 9.15
CA ASP A 22 -10.97 -10.77 9.89
C ASP A 22 -11.20 -9.99 11.21
N LYS A 23 -10.20 -10.04 12.08
CA LYS A 23 -10.24 -9.41 13.39
C LYS A 23 -10.63 -7.94 13.53
N THR A 24 -10.29 -7.07 12.59
CA THR A 24 -10.66 -5.67 12.78
C THR A 24 -11.48 -5.07 11.67
N GLU A 25 -12.00 -5.94 10.85
CA GLU A 25 -12.83 -5.59 9.70
C GLU A 25 -14.04 -4.78 10.07
N ARG A 26 -14.69 -5.15 11.19
CA ARG A 26 -15.88 -4.46 11.66
C ARG A 26 -15.67 -3.00 11.99
N GLU A 27 -14.47 -2.67 12.47
CA GLU A 27 -14.16 -1.31 12.77
C GLU A 27 -14.31 -0.50 11.49
N LEU A 28 -14.05 -1.13 10.35
CA LEU A 28 -14.19 -0.45 9.06
C LEU A 28 -15.63 -0.18 8.75
N LEU A 29 -16.40 -1.28 8.81
CA LEU A 29 -17.83 -1.29 8.54
C LEU A 29 -18.65 -0.37 9.45
N GLU A 30 -18.37 -0.38 10.75
CA GLU A 30 -19.10 0.47 11.62
C GLU A 30 -18.84 1.90 11.33
N SER A 31 -17.63 2.22 10.92
CA SER A 31 -17.35 3.61 10.63
C SER A 31 -18.31 4.19 9.58
N TYR A 32 -19.02 3.35 8.83
CA TYR A 32 -19.94 3.83 7.82
C TYR A 32 -21.25 4.20 8.40
N ILE A 33 -21.72 3.36 9.26
CA ILE A 33 -22.99 3.61 9.86
C ILE A 33 -22.92 4.42 11.10
N ASP A 34 -21.92 5.27 11.20
CA ASP A 34 -21.90 6.10 12.37
C ASP A 34 -23.02 7.17 12.42
N ILE B 1 4.60 0.30 9.90
CA ILE B 1 3.30 0.65 10.44
C ILE B 1 3.39 0.94 11.93
N VAL B 2 3.02 2.17 12.32
CA VAL B 2 3.07 2.53 13.73
C VAL B 2 1.72 2.25 14.42
N GLU B 3 1.78 1.56 15.53
CA GLU B 3 0.60 1.22 16.30
C GLU B 3 -0.35 0.28 15.59
N GLY B 4 0.20 -0.54 14.73
CA GLY B 4 -0.61 -1.48 13.99
C GLY B 4 -0.73 -2.79 14.71
N SER B 5 -0.98 -3.86 13.95
CA SER B 5 -1.10 -5.21 14.45
C SER B 5 -0.61 -6.25 13.45
N ASP B 6 -0.40 -7.45 13.93
CA ASP B 6 0.03 -8.50 13.04
C ASP B 6 -1.14 -8.81 12.17
N ALA B 7 -0.93 -8.92 10.91
CA ALA B 7 -2.06 -9.23 10.11
C ALA B 7 -2.30 -10.70 10.23
N GLU B 8 -3.52 -11.15 9.92
CA GLU B 8 -3.85 -12.56 9.93
C GLU B 8 -3.35 -13.13 8.59
N ILE B 9 -3.14 -14.41 8.50
CA ILE B 9 -2.68 -14.95 7.25
C ILE B 9 -3.69 -14.81 6.12
N GLY B 10 -3.23 -14.30 5.00
CA GLY B 10 -4.09 -14.16 3.83
C GLY B 10 -5.08 -13.04 3.93
N MET B 11 -4.79 -12.09 4.80
CA MET B 11 -5.62 -10.91 5.06
C MET B 11 -5.51 -9.82 3.95
N SER B 12 -4.37 -9.79 3.25
CA SER B 12 -4.11 -8.83 2.16
C SER B 12 -3.42 -9.57 1.06
N PRO B 13 -4.15 -10.44 0.37
CA PRO B 13 -3.56 -11.21 -0.69
C PRO B 13 -3.03 -10.41 -1.86
N TRP B 14 -3.37 -9.12 -1.90
CA TRP B 14 -2.94 -8.24 -2.98
C TRP B 14 -1.70 -7.46 -2.60
N GLN B 15 -1.18 -7.68 -1.39
CA GLN B 15 0.00 -7.02 -0.88
C GLN B 15 1.23 -7.58 -1.50
N VAL B 16 2.00 -6.71 -2.14
CA VAL B 16 3.25 -7.02 -2.82
C VAL B 16 4.40 -6.34 -2.11
N MET B 17 5.54 -7.04 -2.06
CA MET B 17 6.75 -6.53 -1.47
C MET B 17 7.74 -6.18 -2.60
N LEU B 18 8.31 -4.98 -2.58
CA LEU B 18 9.29 -4.57 -3.58
C LEU B 18 10.67 -4.86 -3.04
N PHE B 19 11.29 -5.88 -3.55
CA PHE B 19 12.61 -6.29 -3.12
C PHE B 19 13.74 -5.86 -4.07
N ARG B 20 14.81 -5.34 -3.46
CA ARG B 20 16.01 -4.90 -4.15
C ARG B 20 16.97 -6.09 -4.26
N LYS B 21 17.64 -6.27 -5.38
CA LYS B 21 18.57 -7.42 -5.54
C LYS B 21 19.85 -7.38 -4.70
N SER B 22 20.63 -6.31 -4.90
CA SER B 22 21.90 -6.08 -4.22
C SER B 22 22.11 -4.61 -3.98
N PRO B 23 22.19 -4.22 -2.75
CA PRO B 23 22.05 -5.11 -1.64
C PRO B 23 20.62 -5.60 -1.52
N GLN B 24 20.44 -6.73 -0.89
CA GLN B 24 19.12 -7.25 -0.70
C GLN B 24 18.45 -6.48 0.41
N GLU B 25 17.38 -5.83 0.06
CA GLU B 25 16.66 -5.09 1.05
C GLU B 25 15.27 -4.74 0.61
N LEU B 26 14.44 -4.45 1.59
CA LEU B 26 13.07 -4.11 1.33
C LEU B 26 12.93 -2.66 0.89
N LEU B 27 12.51 -2.48 -0.35
CA LEU B 27 12.34 -1.15 -0.90
C LEU B 27 11.02 -0.48 -0.56
N CYS B 28 9.93 -1.19 -0.81
CA CYS B 28 8.61 -0.67 -0.60
C CYS B 28 7.51 -1.72 -0.68
N GLY B 29 6.32 -1.22 -0.41
CA GLY B 29 5.12 -1.99 -0.49
C GLY B 29 4.50 -1.75 -1.88
N ALA B 30 3.49 -2.52 -2.20
CA ALA B 30 2.82 -2.37 -3.49
C ALA B 30 1.60 -3.25 -3.51
N SER B 31 0.80 -3.18 -4.58
CA SER B 31 -0.38 -4.00 -4.64
C SER B 31 -0.61 -4.61 -5.99
N LEU B 32 -1.13 -5.81 -5.96
CA LEU B 32 -1.44 -6.59 -7.14
C LEU B 32 -2.81 -6.25 -7.67
N ILE B 33 -2.91 -5.55 -8.81
CA ILE B 33 -4.21 -5.21 -9.36
C ILE B 33 -4.60 -6.18 -10.46
N SER B 34 -3.74 -7.15 -10.72
CA SER B 34 -4.03 -8.16 -11.72
C SER B 34 -2.89 -9.10 -11.96
N ASP B 35 -3.25 -10.09 -12.70
CA ASP B 35 -2.48 -11.19 -13.20
C ASP B 35 -1.04 -10.79 -13.62
N ARG B 36 -0.82 -9.54 -14.05
CA ARG B 36 0.49 -9.08 -14.47
C ARG B 36 0.80 -7.64 -14.11
N TRP B 37 -0.09 -6.95 -13.41
CA TRP B 37 0.23 -5.58 -13.08
C TRP B 37 0.24 -5.34 -11.63
N VAL B 38 1.20 -4.48 -11.22
CA VAL B 38 1.44 -4.06 -9.83
C VAL B 38 1.40 -2.52 -9.72
N LEU B 39 0.72 -2.06 -8.74
CA LEU B 39 0.59 -0.65 -8.52
C LEU B 39 1.43 -0.23 -7.31
N THR B 40 2.27 0.78 -7.49
CA THR B 40 3.12 1.24 -6.40
C THR B 40 3.27 2.75 -6.45
N ALA B 41 4.04 3.33 -5.54
CA ALA B 41 4.21 4.76 -5.59
C ALA B 41 5.40 5.10 -6.44
N ALA B 42 5.36 6.26 -7.12
CA ALA B 42 6.48 6.64 -7.96
C ALA B 42 7.77 6.81 -7.17
N HIS B 43 7.68 7.60 -6.08
CA HIS B 43 8.83 7.84 -5.22
C HIS B 43 9.56 6.59 -4.77
N CYS B 44 9.05 5.40 -5.09
CA CYS B 44 9.74 4.18 -4.71
C CYS B 44 10.77 3.82 -5.74
N LEU B 45 10.59 4.36 -6.91
CA LEU B 45 11.48 4.05 -7.97
C LEU B 45 12.29 5.23 -8.41
N LEU B 46 11.77 6.42 -8.15
CA LEU B 46 12.45 7.60 -8.58
C LEU B 46 12.25 8.83 -7.71
N TYR B 47 13.37 9.26 -7.21
CA TYR B 47 13.47 10.43 -6.38
C TYR B 47 14.88 10.95 -6.50
N PRO B 48 15.16 11.67 -7.60
CA PRO B 48 16.48 12.22 -7.87
C PRO B 48 17.20 12.80 -6.65
N PRO B 49 16.59 13.75 -5.95
CA PRO B 49 17.18 14.38 -4.78
C PRO B 49 17.89 13.45 -3.79
N TRP B 50 17.85 12.18 -4.03
CA TRP B 50 18.50 11.21 -3.18
C TRP B 50 19.14 10.20 -4.07
N ASP B 51 19.29 10.63 -5.28
CA ASP B 51 19.87 9.82 -6.27
C ASP B 51 19.14 8.51 -6.39
N LYS B 52 17.81 8.53 -6.23
CA LYS B 52 17.08 7.30 -6.35
C LYS B 52 16.55 7.13 -7.75
N ASN B 53 16.93 6.05 -8.44
CA ASN B 53 16.41 5.84 -9.76
C ASN B 53 16.55 4.41 -10.21
N PHE B 54 15.63 3.54 -9.76
CA PHE B 54 15.65 2.13 -10.09
C PHE B 54 15.15 1.81 -11.45
N THR B 55 15.66 0.72 -11.98
CA THR B 55 15.28 0.28 -13.27
C THR B 55 14.75 -1.11 -13.13
N GLU B 56 14.17 -1.60 -14.21
CA GLU B 56 13.59 -2.91 -14.26
C GLU B 56 14.47 -4.02 -13.78
N ASN B 57 15.77 -3.89 -13.89
CA ASN B 57 16.62 -5.00 -13.48
C ASN B 57 17.15 -4.90 -12.08
N ASP B 58 16.85 -3.84 -11.41
CA ASP B 58 17.34 -3.71 -10.08
C ASP B 58 16.43 -4.34 -9.07
N LEU B 59 15.16 -4.56 -9.46
CA LEU B 59 14.18 -5.11 -8.55
C LEU B 59 13.60 -6.44 -8.83
N LEU B 60 12.91 -6.86 -7.79
CA LEU B 60 12.18 -8.07 -7.70
C LEU B 60 10.86 -7.72 -7.03
N VAL B 61 9.86 -8.54 -7.34
CA VAL B 61 8.55 -8.42 -6.78
C VAL B 61 8.19 -9.73 -6.11
N ARG B 62 7.87 -9.65 -4.82
CA ARG B 62 7.53 -10.82 -4.04
C ARG B 62 6.11 -10.71 -3.55
N ILE B 63 5.25 -11.62 -4.10
CA ILE B 63 3.80 -11.70 -3.84
C ILE B 63 3.42 -12.90 -3.01
N GLY B 64 2.47 -12.72 -2.09
CA GLY B 64 2.00 -13.83 -1.23
C GLY B 64 2.72 -13.96 0.13
N LYS B 65 3.45 -12.92 0.52
CA LYS B 65 4.18 -12.94 1.74
C LYS B 65 3.44 -12.58 3.00
N HIS B 66 3.95 -13.15 4.11
CA HIS B 66 3.45 -12.92 5.45
C HIS B 66 4.60 -12.40 6.27
N SER B 67 5.65 -13.20 6.31
CA SER B 67 6.83 -12.87 7.03
C SER B 67 7.63 -11.83 6.28
N ARG B 68 8.26 -10.94 7.00
CA ARG B 68 9.04 -9.94 6.36
C ARG B 68 10.33 -10.46 5.78
N THR B 69 11.01 -11.31 6.57
CA THR B 69 12.34 -11.84 6.20
C THR B 69 12.44 -13.20 5.59
N ARG B 70 11.55 -14.10 5.94
CA ARG B 70 11.64 -15.45 5.40
C ARG B 70 11.41 -15.55 3.92
N TYR B 71 11.84 -16.69 3.40
CA TYR B 71 11.62 -17.01 2.03
C TYR B 71 10.57 -18.10 2.09
N GLU B 72 9.32 -17.68 1.93
CA GLU B 72 8.15 -18.55 2.02
C GLU B 72 7.97 -19.35 0.75
N ARG B 73 8.84 -20.35 0.63
CA ARG B 73 8.91 -21.25 -0.50
C ARG B 73 7.62 -21.83 -0.99
N ASN B 74 6.80 -22.33 -0.10
CA ASN B 74 5.57 -22.94 -0.59
C ASN B 74 4.46 -21.98 -1.02
N ILE B 75 4.43 -20.80 -0.42
CA ILE B 75 3.41 -19.78 -0.63
C ILE B 75 3.71 -18.54 -1.48
N GLU B 76 4.86 -17.92 -1.30
CA GLU B 76 5.14 -16.71 -2.06
C GLU B 76 5.60 -16.98 -3.46
N LYS B 77 5.56 -15.95 -4.28
CA LYS B 77 5.97 -16.05 -5.64
C LYS B 77 6.83 -14.85 -6.01
N ILE B 78 8.02 -15.14 -6.57
CA ILE B 78 8.98 -14.12 -6.95
C ILE B 78 8.99 -13.77 -8.41
N SER B 79 8.69 -12.51 -8.75
CA SER B 79 8.63 -12.08 -10.15
C SER B 79 9.61 -11.02 -10.56
N MET B 80 9.85 -11.00 -11.86
CA MET B 80 10.74 -10.05 -12.45
C MET B 80 9.98 -9.05 -13.26
N LEU B 81 10.46 -7.83 -13.23
CA LEU B 81 9.80 -6.79 -13.97
C LEU B 81 10.10 -6.78 -15.46
N GLU B 82 9.11 -6.45 -16.23
CA GLU B 82 9.29 -6.37 -17.64
C GLU B 82 9.35 -4.91 -18.04
N LYS B 83 8.66 -4.07 -17.32
CA LYS B 83 8.66 -2.69 -17.66
C LYS B 83 8.03 -1.87 -16.57
N ILE B 84 8.60 -0.72 -16.28
CA ILE B 84 8.10 0.17 -15.26
C ILE B 84 7.54 1.44 -15.90
N TYR B 85 6.43 1.95 -15.36
CA TYR B 85 5.78 3.16 -15.86
C TYR B 85 5.53 4.16 -14.77
N ILE B 86 6.12 5.30 -14.90
CA ILE B 86 5.93 6.36 -13.93
C ILE B 86 5.05 7.50 -14.48
N HIS B 87 4.15 8.05 -13.66
CA HIS B 87 3.32 9.13 -14.13
C HIS B 87 4.17 10.29 -14.67
N PRO B 88 3.92 10.64 -15.93
CA PRO B 88 4.65 11.68 -16.58
C PRO B 88 4.71 12.97 -15.79
N ARG B 89 3.67 13.26 -15.03
CA ARG B 89 3.69 14.50 -14.28
C ARG B 89 3.94 14.37 -12.77
N TYR B 90 4.68 13.35 -12.40
CA TYR B 90 5.03 13.11 -11.03
C TYR B 90 5.95 14.22 -10.61
N ASN B 91 5.51 15.02 -9.65
CA ASN B 91 6.26 16.17 -9.16
C ASN B 91 7.13 15.85 -7.94
N TRP B 92 8.32 15.32 -8.18
CA TRP B 92 9.21 14.98 -7.09
C TRP B 92 9.95 16.18 -6.55
N ARG B 93 9.79 17.30 -7.23
CA ARG B 93 10.43 18.54 -6.84
C ARG B 93 9.73 19.31 -5.74
N GLU B 94 8.42 19.31 -5.71
CA GLU B 94 7.79 20.06 -4.65
C GLU B 94 6.77 19.35 -3.75
N ASN B 95 5.90 18.50 -4.29
CA ASN B 95 4.96 17.89 -3.38
C ASN B 95 4.64 16.45 -3.66
N LEU B 96 5.38 15.83 -4.55
CA LEU B 96 5.11 14.43 -4.86
C LEU B 96 3.72 14.27 -5.44
N ASP B 97 3.28 15.24 -6.22
CA ASP B 97 1.97 15.11 -6.79
C ASP B 97 2.00 14.03 -7.85
N ARG B 98 0.90 13.26 -7.92
CA ARG B 98 0.78 12.17 -8.86
C ARG B 98 1.86 11.13 -8.62
N ASP B 99 2.01 10.80 -7.34
CA ASP B 99 2.97 9.83 -6.94
C ASP B 99 2.39 8.45 -7.21
N ILE B 100 2.43 8.04 -8.46
CA ILE B 100 1.88 6.77 -8.82
C ILE B 100 2.78 6.11 -9.85
N ALA B 101 2.72 4.78 -9.93
CA ALA B 101 3.54 4.06 -10.87
C ALA B 101 3.09 2.63 -11.06
N LEU B 102 3.12 2.17 -12.27
CA LEU B 102 2.72 0.81 -12.55
C LEU B 102 3.93 -0.04 -12.96
N MET B 103 3.90 -1.31 -12.64
CA MET B 103 4.97 -2.19 -13.02
C MET B 103 4.36 -3.39 -13.68
N LYS B 104 4.88 -3.74 -14.85
CA LYS B 104 4.39 -4.88 -15.59
C LYS B 104 5.20 -6.16 -15.39
N LEU B 105 4.58 -7.18 -14.83
CA LEU B 105 5.31 -8.42 -14.61
C LEU B 105 5.71 -9.11 -15.92
N LYS B 106 6.87 -9.82 -15.90
CA LYS B 106 7.35 -10.56 -17.06
C LYS B 106 6.41 -11.66 -17.47
N LYS B 107 5.88 -12.37 -16.49
CA LYS B 107 4.96 -13.46 -16.72
C LYS B 107 3.85 -13.36 -15.70
N PRO B 108 2.63 -13.68 -16.11
CA PRO B 108 1.51 -13.61 -15.22
C PRO B 108 1.74 -14.48 -14.03
N VAL B 109 1.10 -14.10 -12.91
CA VAL B 109 1.22 -14.85 -11.69
C VAL B 109 -0.04 -15.65 -11.45
N ALA B 110 0.09 -16.78 -10.75
CA ALA B 110 -1.04 -17.63 -10.48
C ALA B 110 -1.68 -17.31 -9.19
N PHE B 111 -2.95 -16.90 -9.25
CA PHE B 111 -3.68 -16.56 -8.07
C PHE B 111 -3.78 -17.74 -7.20
N SER B 112 -3.94 -17.51 -5.90
CA SER B 112 -4.05 -18.59 -4.95
C SER B 112 -4.81 -18.11 -3.74
N ASP B 113 -4.64 -18.82 -2.62
CA ASP B 113 -5.32 -18.44 -1.38
C ASP B 113 -4.57 -17.31 -0.74
N TYR B 114 -3.35 -17.15 -1.18
CA TYR B 114 -2.46 -16.15 -0.66
C TYR B 114 -2.23 -14.98 -1.62
N ILE B 115 -2.49 -15.24 -2.88
CA ILE B 115 -2.32 -14.26 -3.93
C ILE B 115 -3.63 -14.01 -4.68
N HIS B 116 -4.17 -12.81 -4.50
CA HIS B 116 -5.41 -12.35 -5.11
C HIS B 116 -5.36 -10.85 -5.32
N PRO B 117 -5.91 -10.36 -6.46
CA PRO B 117 -5.89 -8.95 -6.78
C PRO B 117 -6.95 -8.09 -6.06
N VAL B 118 -6.66 -6.81 -5.84
CA VAL B 118 -7.59 -5.90 -5.19
C VAL B 118 -8.32 -5.17 -6.29
N CYS B 119 -9.45 -4.57 -6.01
CA CYS B 119 -10.12 -3.88 -7.08
C CYS B 119 -9.80 -2.43 -7.06
N LEU B 120 -9.97 -1.79 -8.23
CA LEU B 120 -9.80 -0.37 -8.41
C LEU B 120 -11.21 0.19 -8.34
N PRO B 121 -11.36 1.39 -7.78
CA PRO B 121 -12.68 1.96 -7.65
C PRO B 121 -13.21 2.60 -8.93
N ASP B 122 -14.53 2.71 -8.95
CA ASP B 122 -15.28 3.32 -10.01
C ASP B 122 -15.87 4.62 -9.45
N ARG B 123 -16.49 5.41 -10.27
CA ARG B 123 -17.07 6.68 -9.88
C ARG B 123 -18.00 6.68 -8.64
N GLU B 124 -18.94 5.77 -8.59
CA GLU B 124 -19.84 5.75 -7.46
C GLU B 124 -19.18 5.31 -6.19
N THR B 125 -18.35 4.27 -6.32
CA THR B 125 -17.64 3.74 -5.18
C THR B 125 -16.77 4.78 -4.53
N ALA B 126 -15.94 5.42 -5.36
CA ALA B 126 -15.07 6.46 -4.86
C ALA B 126 -15.93 7.51 -4.18
N ALA B 127 -16.95 7.92 -4.91
CA ALA B 127 -17.89 8.92 -4.43
C ALA B 127 -18.51 8.63 -3.07
N SER B 128 -18.84 7.40 -2.79
CA SER B 128 -19.44 7.13 -1.53
C SER B 128 -18.55 6.59 -0.41
N LEU B 129 -17.37 6.08 -0.75
CA LEU B 129 -16.49 5.56 0.29
C LEU B 129 -15.49 6.60 0.81
N LEU B 130 -15.05 7.50 -0.08
CA LEU B 130 -14.10 8.50 0.24
C LEU B 130 -14.67 9.66 0.97
N GLN B 131 -15.13 9.41 2.16
CA GLN B 131 -15.71 10.47 2.94
C GLN B 131 -15.02 10.59 4.28
N ALA B 132 -14.78 11.82 4.70
CA ALA B 132 -14.13 12.05 5.97
C ALA B 132 -14.86 11.36 7.09
N GLY B 133 -14.14 10.65 7.93
CA GLY B 133 -14.75 9.96 9.03
C GLY B 133 -14.77 8.50 8.82
N TYR B 134 -14.76 8.12 7.56
CA TYR B 134 -14.78 6.74 7.18
C TYR B 134 -13.37 6.16 7.34
N LYS B 135 -13.29 4.90 7.78
CA LYS B 135 -12.01 4.22 7.99
C LYS B 135 -11.51 3.39 6.80
N GLY B 136 -10.18 3.45 6.61
CA GLY B 136 -9.45 2.74 5.59
C GLY B 136 -8.42 1.85 6.28
N ARG B 137 -7.79 0.97 5.56
CA ARG B 137 -6.81 0.12 6.18
C ARG B 137 -5.48 0.24 5.48
N VAL B 138 -4.39 0.29 6.23
CA VAL B 138 -3.08 0.37 5.62
C VAL B 138 -2.30 -0.87 6.05
N THR B 139 -1.47 -1.44 5.16
CA THR B 139 -0.66 -2.61 5.50
C THR B 139 0.77 -2.50 5.02
N GLY B 140 1.68 -3.15 5.74
CA GLY B 140 3.08 -3.09 5.33
C GLY B 140 4.05 -3.68 6.34
N TRP B 141 5.32 -3.70 5.93
CA TRP B 141 6.43 -4.21 6.69
C TRP B 141 7.41 -3.10 7.13
N GLY B 142 6.94 -1.85 7.07
CA GLY B 142 7.76 -0.71 7.44
C GLY B 142 7.97 -0.61 8.93
N ASN B 143 8.72 0.43 9.31
CA ASN B 143 9.09 0.74 10.68
C ASN B 143 7.91 0.80 11.62
N LEU B 144 8.17 0.30 12.84
CA LEU B 144 7.20 0.25 13.93
C LEU B 144 7.23 1.51 14.78
N LYS B 145 8.25 2.34 14.53
CA LYS B 145 8.47 3.57 15.22
C LYS B 145 9.19 4.51 14.39
N GLU B 146 8.86 5.76 14.58
CA GLU B 146 9.53 6.78 13.82
C GLU B 146 10.99 6.74 14.12
N THR B 147 11.35 6.51 15.38
CA THR B 147 12.73 6.44 15.77
C THR B 147 12.90 5.47 16.91
N TRP B 148 14.11 5.01 17.15
CA TRP B 148 14.33 4.05 18.24
C TRP B 148 15.79 3.84 18.59
N THR B 149 16.03 3.41 19.83
CA THR B 149 17.34 3.15 20.38
C THR B 149 18.03 2.06 19.60
N ALA B 150 19.11 2.43 18.99
CA ALA B 150 19.87 1.52 18.21
C ALA B 150 20.27 0.28 18.96
N ASN B 151 20.26 -0.81 18.23
CA ASN B 151 20.66 -2.11 18.71
C ASN B 151 19.89 -2.61 19.86
N VAL B 152 18.99 -1.83 20.38
CA VAL B 152 18.20 -2.30 21.49
C VAL B 152 16.79 -2.56 20.97
N GLY B 153 16.67 -3.64 20.25
CA GLY B 153 15.40 -4.01 19.67
C GLY B 153 15.54 -4.33 18.17
N LYS B 154 14.47 -3.97 17.44
CA LYS B 154 14.34 -4.16 15.99
C LYS B 154 13.20 -3.29 15.51
N GLY B 155 13.56 -2.22 14.81
CA GLY B 155 12.58 -1.27 14.28
C GLY B 155 11.56 -1.87 13.33
N GLN B 156 11.87 -3.06 12.79
CA GLN B 156 11.00 -3.70 11.88
C GLN B 156 10.26 -4.90 12.42
N PRO B 157 9.03 -5.10 11.90
CA PRO B 157 8.17 -6.21 12.29
C PRO B 157 8.60 -7.54 11.66
N SER B 158 8.09 -8.65 12.18
CA SER B 158 8.42 -10.00 11.67
C SER B 158 7.46 -10.40 10.60
N VAL B 159 6.22 -9.97 10.80
CA VAL B 159 5.19 -10.26 9.87
C VAL B 159 4.50 -8.99 9.43
N LEU B 160 3.73 -9.08 8.37
CA LEU B 160 2.99 -7.98 7.82
C LEU B 160 2.14 -7.30 8.91
N GLN B 161 2.18 -5.96 8.97
CA GLN B 161 1.42 -5.17 9.94
C GLN B 161 0.18 -4.51 9.31
N VAL B 162 -0.86 -4.33 10.12
CA VAL B 162 -2.07 -3.70 9.65
C VAL B 162 -2.62 -2.68 10.61
N VAL B 163 -3.12 -1.58 10.04
CA VAL B 163 -3.70 -0.49 10.79
C VAL B 163 -4.90 0.10 10.02
N ASN B 164 -5.94 0.53 10.79
CA ASN B 164 -7.17 1.14 10.28
C ASN B 164 -7.24 2.60 10.70
N LEU B 165 -7.18 3.48 9.74
CA LEU B 165 -7.22 4.91 9.99
C LEU B 165 -8.40 5.60 9.30
N PRO B 166 -8.89 6.69 9.87
CA PRO B 166 -10.00 7.42 9.31
C PRO B 166 -9.54 8.52 8.36
N ILE B 167 -10.45 8.89 7.42
CA ILE B 167 -10.17 9.91 6.45
C ILE B 167 -10.39 11.27 7.06
N VAL B 168 -9.46 12.18 6.81
CA VAL B 168 -9.54 13.51 7.40
C VAL B 168 -10.04 14.57 6.44
N GLU B 169 -10.86 15.50 6.96
CA GLU B 169 -11.42 16.60 6.18
C GLU B 169 -10.30 17.39 5.47
N ARG B 170 -10.42 17.66 4.14
CA ARG B 170 -9.38 18.41 3.42
C ARG B 170 -8.84 19.59 4.12
N PRO B 171 -9.72 20.42 4.65
CA PRO B 171 -9.27 21.59 5.34
C PRO B 171 -8.31 21.22 6.48
N VAL B 172 -8.73 20.26 7.31
CA VAL B 172 -7.88 19.82 8.38
C VAL B 172 -6.52 19.35 7.83
N CYS B 173 -6.51 18.70 6.66
CA CYS B 173 -5.26 18.21 6.05
C CYS B 173 -4.37 19.36 5.63
N LYS B 174 -5.00 20.32 4.95
CA LYS B 174 -4.34 21.51 4.43
C LYS B 174 -3.65 22.29 5.53
N ASP B 175 -4.34 22.44 6.66
CA ASP B 175 -3.74 23.18 7.74
C ASP B 175 -2.68 22.43 8.51
N SER B 176 -2.30 21.25 8.07
CA SER B 176 -1.30 20.51 8.82
C SER B 176 0.03 20.45 8.16
N THR B 177 0.17 21.06 7.01
CA THR B 177 1.46 21.00 6.33
C THR B 177 1.80 22.29 5.67
N ARG B 178 3.05 22.52 5.48
CA ARG B 178 3.38 23.72 4.81
C ARG B 178 3.46 23.36 3.36
N ILE B 179 3.31 22.06 3.13
CA ILE B 179 3.37 21.52 1.79
C ILE B 179 2.14 21.87 1.01
N ARG B 180 2.31 21.95 -0.32
CA ARG B 180 1.20 22.27 -1.19
C ARG B 180 0.51 21.01 -1.61
N ILE B 181 -0.54 20.66 -0.91
CA ILE B 181 -1.25 19.46 -1.24
C ILE B 181 -2.17 19.69 -2.42
N THR B 182 -2.38 18.66 -3.22
CA THR B 182 -3.23 18.75 -4.38
C THR B 182 -4.47 17.87 -4.23
N ASP B 183 -5.30 17.88 -5.26
CA ASP B 183 -6.54 17.10 -5.30
C ASP B 183 -6.29 15.65 -5.62
N ASN B 184 -5.00 15.36 -5.83
CA ASN B 184 -4.54 14.04 -6.14
C ASN B 184 -4.03 13.33 -4.92
N MET B 185 -4.36 13.89 -3.74
CA MET B 185 -3.95 13.39 -2.45
C MET B 185 -5.06 13.40 -1.47
N PHE B 186 -4.86 12.68 -0.42
CA PHE B 186 -5.82 12.66 0.64
C PHE B 186 -5.10 12.37 1.92
N CYS B 187 -5.67 12.69 3.07
CA CYS B 187 -4.96 12.41 4.28
C CYS B 187 -5.82 11.60 5.18
N ALA B 188 -5.18 10.84 6.08
CA ALA B 188 -5.86 9.99 7.05
C ALA B 188 -5.07 9.88 8.32
N GLY B 189 -5.78 9.56 9.41
CA GLY B 189 -5.19 9.42 10.73
C GLY B 189 -6.11 9.97 11.80
N TYR B 190 -5.87 9.62 13.05
CA TYR B 190 -6.71 10.12 14.10
C TYR B 190 -6.28 11.53 14.48
N LYS B 191 -7.19 12.30 15.08
CA LYS B 191 -6.88 13.67 15.52
C LYS B 191 -6.44 13.61 16.97
N PRO B 192 -5.66 14.60 17.42
CA PRO B 192 -5.18 14.61 18.78
C PRO B 192 -6.18 14.38 19.89
N ASP B 193 -7.39 14.84 19.69
CA ASP B 193 -8.41 14.63 20.71
C ASP B 193 -9.15 13.32 20.50
N GLU B 194 -8.75 12.53 19.49
CA GLU B 194 -9.45 11.28 19.19
C GLU B 194 -9.17 10.10 20.07
N GLY B 195 -8.06 10.10 20.80
CA GLY B 195 -7.79 8.97 21.66
C GLY B 195 -7.11 7.75 21.03
N LYS B 196 -6.85 7.79 19.72
CA LYS B 196 -6.18 6.66 19.06
C LYS B 196 -5.02 7.14 18.19
N ARG B 197 -4.16 6.19 17.78
CA ARG B 197 -2.99 6.51 16.97
C ARG B 197 -2.80 5.52 15.86
N GLY B 198 -1.92 5.84 14.96
CA GLY B 198 -1.67 4.94 13.90
C GLY B 198 -1.15 5.68 12.73
N ASP B 199 -0.24 5.03 12.02
CA ASP B 199 0.33 5.64 10.85
C ASP B 199 1.16 4.66 10.06
N ALA B 200 1.48 5.02 8.85
CA ALA B 200 2.31 4.20 8.03
C ALA B 200 3.68 4.75 8.31
N CYS B 201 4.73 4.19 7.77
CA CYS B 201 6.03 4.76 8.08
C CYS B 201 7.00 4.31 7.03
N GLU B 202 8.27 4.73 7.13
CA GLU B 202 9.30 4.34 6.19
C GLU B 202 9.23 2.84 5.94
N GLY B 203 9.22 2.44 4.68
CA GLY B 203 9.12 1.04 4.34
C GLY B 203 7.72 0.62 3.97
N ASP B 204 6.76 1.45 4.37
CA ASP B 204 5.36 1.21 4.09
C ASP B 204 4.94 1.84 2.76
N SER B 205 5.74 2.80 2.25
CA SER B 205 5.50 3.51 1.00
C SER B 205 5.09 2.57 -0.11
N GLY B 206 4.17 3.02 -0.97
CA GLY B 206 3.70 2.20 -2.10
C GLY B 206 2.59 1.28 -1.69
N GLY B 207 2.49 1.03 -0.41
CA GLY B 207 1.46 0.17 0.12
C GLY B 207 0.10 0.72 -0.20
N PRO B 208 -0.89 -0.15 -0.14
CA PRO B 208 -2.23 0.23 -0.45
C PRO B 208 -3.09 0.66 0.73
N PHE B 209 -3.89 1.69 0.50
CA PHE B 209 -4.82 2.16 1.48
C PHE B 209 -6.15 1.61 0.91
N VAL B 210 -6.65 0.51 1.46
CA VAL B 210 -7.88 -0.06 0.95
C VAL B 210 -9.11 0.22 1.81
N MET B 211 -10.31 -0.02 1.22
CA MET B 211 -11.61 0.16 1.87
C MET B 211 -12.57 -0.95 1.40
N LYS B 212 -13.45 -1.42 2.29
CA LYS B 212 -14.41 -2.49 1.98
C LYS B 212 -15.83 -2.03 1.69
N SER B 213 -16.40 -2.48 0.59
CA SER B 213 -17.78 -2.08 0.29
C SER B 213 -18.80 -2.97 0.99
N PRO B 214 -19.65 -2.38 1.80
CA PRO B 214 -20.65 -3.15 2.52
C PRO B 214 -21.69 -3.79 1.60
N PHE B 215 -21.99 -3.13 0.49
CA PHE B 215 -22.98 -3.64 -0.44
C PHE B 215 -22.54 -4.81 -1.32
N ASN B 216 -21.25 -4.89 -1.72
CA ASN B 216 -20.77 -5.98 -2.56
C ASN B 216 -19.74 -6.87 -1.89
N ASN B 217 -19.31 -6.45 -0.71
CA ASN B 217 -18.36 -7.22 0.08
C ASN B 217 -16.91 -7.28 -0.43
N ARG B 218 -16.56 -6.39 -1.40
CA ARG B 218 -15.23 -6.31 -2.01
C ARG B 218 -14.37 -5.20 -1.48
N TRP B 219 -13.06 -5.43 -1.57
CA TRP B 219 -12.07 -4.47 -1.15
C TRP B 219 -11.63 -3.62 -2.31
N TYR B 220 -11.55 -2.31 -2.08
CA TYR B 220 -11.16 -1.38 -3.08
C TYR B 220 -9.98 -0.61 -2.66
N GLN B 221 -9.03 -0.44 -3.58
CA GLN B 221 -7.86 0.33 -3.27
C GLN B 221 -8.14 1.77 -3.59
N MET B 222 -8.26 2.59 -2.56
CA MET B 222 -8.55 4.01 -2.72
C MET B 222 -7.28 4.87 -2.67
N GLY B 223 -6.23 4.41 -1.99
CA GLY B 223 -5.04 5.21 -1.93
C GLY B 223 -3.77 4.39 -1.91
N ILE B 224 -2.65 5.12 -2.02
CA ILE B 224 -1.29 4.55 -2.01
C ILE B 224 -0.47 5.25 -0.91
N VAL B 225 0.33 4.52 -0.13
CA VAL B 225 1.12 5.21 0.90
C VAL B 225 2.08 6.18 0.19
N SER B 226 1.96 7.48 0.46
CA SER B 226 2.76 8.46 -0.22
C SER B 226 3.84 9.14 0.56
N TRP B 227 3.46 10.07 1.44
CA TRP B 227 4.43 10.80 2.24
C TRP B 227 3.89 11.18 3.60
N GLY B 228 4.76 11.61 4.48
CA GLY B 228 4.36 11.99 5.81
C GLY B 228 5.48 12.70 6.54
N GLU B 229 5.12 13.51 7.53
CA GLU B 229 6.06 14.24 8.34
C GLU B 229 6.28 13.46 9.63
N GLY B 230 7.27 12.57 9.60
CA GLY B 230 7.57 11.75 10.74
C GLY B 230 6.63 10.54 10.74
N CYS B 231 6.43 9.95 11.90
CA CYS B 231 5.55 8.82 11.96
C CYS B 231 4.73 8.89 13.21
N ASP B 232 3.44 8.84 13.06
CA ASP B 232 2.56 8.87 14.20
C ASP B 232 2.68 10.11 15.09
N ARG B 233 3.02 11.28 14.49
CA ARG B 233 3.10 12.55 15.22
C ARG B 233 1.74 13.15 15.42
N ASP B 234 1.57 13.83 16.55
CA ASP B 234 0.30 14.49 16.83
C ASP B 234 0.14 15.72 15.97
N GLY B 235 -1.06 15.89 15.46
CA GLY B 235 -1.34 17.04 14.63
C GLY B 235 -0.78 16.92 13.25
N LYS B 236 -0.42 15.71 12.90
CA LYS B 236 0.13 15.38 11.59
C LYS B 236 -0.63 14.17 11.08
N TYR B 237 -0.74 14.09 9.78
CA TYR B 237 -1.45 12.98 9.11
C TYR B 237 -0.65 12.44 7.98
N GLY B 238 -1.06 11.27 7.48
CA GLY B 238 -0.39 10.65 6.34
C GLY B 238 -1.06 11.03 5.05
N PHE B 239 -0.27 11.20 4.03
CA PHE B 239 -0.80 11.55 2.74
C PHE B 239 -0.77 10.36 1.76
N TYR B 240 -1.89 10.14 1.08
CA TYR B 240 -2.03 9.05 0.15
C TYR B 240 -2.36 9.51 -1.23
N THR B 241 -1.87 8.78 -2.22
CA THR B 241 -2.19 9.13 -3.59
C THR B 241 -3.64 8.77 -3.88
N HIS B 242 -4.36 9.70 -4.47
CA HIS B 242 -5.76 9.51 -4.79
C HIS B 242 -5.89 8.63 -6.01
N VAL B 243 -6.02 7.32 -5.80
CA VAL B 243 -6.11 6.39 -6.91
C VAL B 243 -7.19 6.69 -7.93
N PHE B 244 -8.37 7.04 -7.44
CA PHE B 244 -9.47 7.33 -8.33
C PHE B 244 -9.16 8.42 -9.37
N ARG B 245 -8.63 9.57 -8.93
CA ARG B 245 -8.33 10.57 -9.92
C ARG B 245 -7.30 10.14 -10.96
N LEU B 246 -6.27 9.43 -10.56
CA LEU B 246 -5.27 9.01 -11.50
C LEU B 246 -5.67 7.78 -12.33
N LYS B 247 -6.89 7.31 -12.17
CA LYS B 247 -7.38 6.14 -12.90
C LYS B 247 -7.31 6.19 -14.47
N LYS B 248 -7.50 7.38 -15.10
CA LYS B 248 -7.43 7.46 -16.57
C LYS B 248 -6.07 7.10 -17.08
N TRP B 249 -5.06 7.50 -16.32
CA TRP B 249 -3.70 7.22 -16.67
C TRP B 249 -3.44 5.72 -16.58
N ILE B 250 -3.94 5.11 -15.50
CA ILE B 250 -3.78 3.70 -15.30
C ILE B 250 -4.39 3.01 -16.48
N GLN B 251 -5.59 3.46 -16.79
CA GLN B 251 -6.37 2.97 -17.90
C GLN B 251 -5.60 3.09 -19.20
N LYS B 252 -5.04 4.25 -19.44
CA LYS B 252 -4.28 4.49 -20.63
C LYS B 252 -3.08 3.55 -20.73
N VAL B 253 -2.35 3.37 -19.62
CA VAL B 253 -1.15 2.49 -19.59
C VAL B 253 -1.47 1.00 -19.78
N ILE B 254 -2.43 0.50 -19.04
CA ILE B 254 -2.80 -0.90 -19.11
C ILE B 254 -3.24 -1.42 -20.47
N ASP B 255 -4.02 -0.67 -21.22
CA ASP B 255 -4.47 -1.13 -22.53
C ASP B 255 -5.11 -2.51 -22.64
N GLN B 256 -6.10 -2.76 -21.81
CA GLN B 256 -6.76 -4.05 -21.88
C GLN B 256 -7.53 -4.27 -23.18
N PHE B 257 -7.43 -3.36 -24.12
CA PHE B 257 -8.18 -3.66 -25.27
C PHE B 257 -7.49 -3.36 -26.58
N GLY B 258 -6.28 -2.98 -26.57
CA ASP C 1 17.97 -10.34 8.39
C ASP C 1 17.22 -11.30 7.46
N PHE C 2 17.24 -11.04 6.16
CA PHE C 2 16.54 -11.88 5.17
C PHE C 2 17.09 -13.25 4.90
N GLU C 3 16.18 -14.22 4.73
CA GLU C 3 16.55 -15.58 4.38
C GLU C 3 16.90 -15.48 2.90
N GLU C 4 17.80 -16.32 2.38
CA GLU C 4 18.19 -16.20 0.97
C GLU C 4 17.26 -16.84 0.00
N ILE C 5 16.94 -16.10 -1.10
CA ILE C 5 16.06 -16.60 -2.14
C ILE C 5 16.89 -17.32 -3.15
N PRO C 6 16.28 -18.11 -4.02
CA PRO C 6 17.05 -18.83 -5.01
C PRO C 6 17.81 -17.83 -5.86
N GLU C 7 19.11 -18.13 -6.08
CA GLU C 7 20.04 -17.26 -6.85
C GLU C 7 19.72 -16.97 -8.29
N GLU C 8 18.84 -17.79 -8.86
CA GLU C 8 18.44 -17.59 -10.22
C GLU C 8 17.87 -16.18 -10.35
N TYR C 9 17.26 -15.73 -9.27
CA TYR C 9 16.66 -14.42 -9.24
C TYR C 9 17.64 -13.32 -8.93
N LEU C 10 18.75 -13.69 -8.31
CA LEU C 10 19.75 -12.72 -7.94
C LEU C 10 20.90 -12.49 -8.93
N GLN C 11 20.97 -13.21 -10.03
#